data_9DV9
#
_entry.id   9DV9
#
_cell.length_a   88.102
_cell.length_b   105.232
_cell.length_c   52.735
_cell.angle_alpha   90.000
_cell.angle_beta   90.000
_cell.angle_gamma   90.000
#
_symmetry.space_group_name_H-M   'P 21 21 2'
#
loop_
_entity.id
_entity.type
_entity.pdbx_description
1 polymer 'Acetate kinase'
2 non-polymer 'ADENOSINE MONOPHOSPHATE'
3 non-polymer 'SULFATE ION'
4 non-polymer 1,2-ETHANEDIOL
5 water water
#
_entity_poly.entity_id   1
_entity_poly.type   'polypeptide(L)'
_entity_poly.pdbx_seq_one_letter_code
;MGSDKIHHHHHHDYDIPTTENLYFQGMVILTLNCGSSSVKYQVYDWDNHSVLASGVVERVTQPGSVITHEAKGKDKYVLE
SPCPSHTHAVELIIKTLTDPSVGVITDMNVIKAVGHRVTHGGDKFIKSVIVTPEILNTFREVQDLGPLHNPANIMGIEAA
QKVLPNVPHCAIIDTAWHQTMPETSFMYAIPHEWYEKYSARRYGFHGTSFLYTAKRAAVILGKKPEDTNIIIAHIGNGAS
MCCVKQGKCFDTSMGLTPLEGLVMGTRSGDCDPALPFYIMRKTGMTPAEMDTALNKKSGLLGVTGQYVDRRDVSKAMGEG
DKRARLAFNMEVYRLQKYFGAYIAALGQKPDAIVFTAGVGEFGFDTRLAVCEGLTHLGIKIDPKKNALARTRNAETCISA
DDSPVKIFVIPTDEELVMTEDAYALMKGTYDVHTKFTYSFQSPNYVNKARAEGLKKDLEKKPELASIVVKIPGAR
;
_entity_poly.pdbx_strand_id   A
#
loop_
_chem_comp.id
_chem_comp.type
_chem_comp.name
_chem_comp.formula
AMP non-polymer 'ADENOSINE MONOPHOSPHATE' 'C10 H14 N5 O7 P'
EDO non-polymer 1,2-ETHANEDIOL 'C2 H6 O2'
SO4 non-polymer 'SULFATE ION' 'O4 S -2'
#
# COMPACT_ATOMS: atom_id res chain seq x y z
N TYR A 23 2.77 29.97 -10.67
CA TYR A 23 2.96 29.95 -9.20
C TYR A 23 4.37 29.49 -8.84
N PHE A 24 4.72 29.62 -7.57
CA PHE A 24 5.98 29.08 -7.10
C PHE A 24 6.04 27.57 -7.29
N GLN A 25 7.09 27.11 -7.95
CA GLN A 25 7.22 25.70 -8.35
C GLN A 25 8.40 25.01 -7.65
N GLY A 26 8.99 25.66 -6.66
CA GLY A 26 10.19 25.13 -6.05
C GLY A 26 10.03 24.26 -4.83
N MET A 27 8.82 23.90 -4.44
N MET A 27 8.82 23.93 -4.40
CA MET A 27 8.60 23.04 -3.28
CA MET A 27 8.66 23.04 -3.25
C MET A 27 8.22 21.63 -3.75
C MET A 27 8.23 21.67 -3.81
N VAL A 28 9.20 20.95 -4.34
CA VAL A 28 8.96 19.65 -4.98
C VAL A 28 9.60 18.54 -4.14
N ILE A 29 8.88 17.42 -4.03
CA ILE A 29 9.31 16.26 -3.30
C ILE A 29 9.37 15.10 -4.27
N LEU A 30 10.48 14.37 -4.26
CA LEU A 30 10.64 13.15 -5.04
C LEU A 30 10.41 11.96 -4.11
N THR A 31 9.64 10.98 -4.56
CA THR A 31 9.51 9.73 -3.83
C THR A 31 9.99 8.57 -4.69
N LEU A 32 10.64 7.61 -4.03
CA LEU A 32 11.25 6.48 -4.72
C LEU A 32 10.90 5.19 -3.99
N ASN A 33 10.66 4.15 -4.77
CA ASN A 33 10.47 2.80 -4.27
C ASN A 33 11.33 1.88 -5.13
N CYS A 34 12.40 1.34 -4.55
CA CYS A 34 13.41 0.61 -5.29
C CYS A 34 13.33 -0.87 -4.97
N GLY A 35 13.18 -1.68 -6.01
CA GLY A 35 13.28 -3.12 -5.93
C GLY A 35 14.61 -3.59 -6.52
N SER A 36 14.80 -4.91 -6.47
CA SER A 36 16.06 -5.48 -6.94
C SER A 36 16.29 -5.16 -8.42
N SER A 37 15.20 -4.95 -9.17
CA SER A 37 15.28 -4.72 -10.61
C SER A 37 14.54 -3.48 -11.06
N SER A 38 14.10 -2.61 -10.16
CA SER A 38 13.25 -1.50 -10.57
C SER A 38 13.40 -0.32 -9.63
N VAL A 39 13.07 0.85 -10.16
CA VAL A 39 12.95 2.08 -9.38
C VAL A 39 11.66 2.77 -9.83
N LYS A 40 10.66 2.79 -8.95
CA LYS A 40 9.44 3.55 -9.20
C LYS A 40 9.58 4.93 -8.57
N TYR A 41 9.04 5.94 -9.25
CA TYR A 41 9.21 7.31 -8.78
C TYR A 41 7.92 8.11 -8.95
N GLN A 42 7.80 9.13 -8.12
CA GLN A 42 6.76 10.14 -8.26
C GLN A 42 7.36 11.48 -7.87
N VAL A 43 6.90 12.53 -8.54
CA VAL A 43 7.30 13.90 -8.28
C VAL A 43 6.07 14.68 -7.89
N TYR A 44 6.09 15.27 -6.70
CA TYR A 44 4.94 15.97 -6.14
C TYR A 44 5.31 17.42 -5.86
N ASP A 45 4.52 18.33 -6.41
CA ASP A 45 4.67 19.75 -6.14
C ASP A 45 3.79 20.07 -4.93
N TRP A 46 4.43 20.26 -3.77
CA TRP A 46 3.67 20.44 -2.54
C TRP A 46 2.84 21.72 -2.57
N ASP A 47 3.44 22.84 -2.98
CA ASP A 47 2.70 24.10 -2.87
C ASP A 47 1.56 24.19 -3.87
N ASN A 48 1.69 23.54 -5.01
CA ASN A 48 0.59 23.47 -5.98
C ASN A 48 -0.24 22.21 -5.85
N HIS A 49 0.07 21.37 -4.87
CA HIS A 49 -0.73 20.21 -4.50
C HIS A 49 -1.03 19.32 -5.71
N SER A 50 0.02 18.97 -6.45
N SER A 50 0.04 18.93 -6.41
CA SER A 50 -0.18 18.25 -7.70
CA SER A 50 -0.13 18.29 -7.70
C SER A 50 0.94 17.26 -7.94
C SER A 50 0.96 17.27 -7.96
N VAL A 51 0.59 16.14 -8.57
CA VAL A 51 1.56 15.15 -9.04
C VAL A 51 2.06 15.61 -10.40
N LEU A 52 3.35 15.96 -10.48
CA LEU A 52 3.92 16.42 -11.73
C LEU A 52 4.24 15.28 -12.69
N ALA A 53 4.67 14.15 -12.15
CA ALA A 53 5.05 13.01 -12.97
C ALA A 53 5.17 11.78 -12.09
N SER A 54 5.04 10.62 -12.73
CA SER A 54 5.34 9.35 -12.09
C SER A 54 5.89 8.44 -13.16
N GLY A 55 6.56 7.39 -12.74
CA GLY A 55 7.11 6.45 -13.71
C GLY A 55 7.91 5.36 -13.03
N VAL A 56 8.60 4.59 -13.85
CA VAL A 56 9.38 3.46 -13.36
C VAL A 56 10.53 3.22 -14.32
N VAL A 57 11.69 2.91 -13.76
CA VAL A 57 12.80 2.31 -14.51
C VAL A 57 12.75 0.82 -14.24
N GLU A 58 12.63 0.03 -15.30
CA GLU A 58 12.54 -1.41 -15.24
C GLU A 58 13.85 -2.02 -15.70
N ARG A 59 14.07 -3.27 -15.28
N ARG A 59 14.08 -3.26 -15.28
CA ARG A 59 15.27 -4.03 -15.64
CA ARG A 59 15.27 -4.02 -15.64
C ARG A 59 16.55 -3.31 -15.21
C ARG A 59 16.54 -3.30 -15.22
N VAL A 60 16.49 -2.67 -14.05
CA VAL A 60 17.70 -2.11 -13.44
C VAL A 60 18.61 -3.24 -13.02
N THR A 61 19.91 -3.08 -13.28
CA THR A 61 20.96 -4.09 -13.09
C THR A 61 20.91 -5.19 -14.13
N GLN A 62 20.05 -5.07 -15.14
CA GLN A 62 19.86 -6.12 -16.13
C GLN A 62 19.99 -5.54 -17.53
N PRO A 63 20.22 -6.38 -18.54
CA PRO A 63 20.19 -5.88 -19.92
C PRO A 63 18.80 -5.38 -20.27
N GLY A 64 18.74 -4.26 -20.96
CA GLY A 64 17.49 -3.73 -21.46
C GLY A 64 16.78 -2.78 -20.51
N SER A 65 17.51 -2.19 -19.57
CA SER A 65 16.91 -1.21 -18.67
C SER A 65 16.14 -0.16 -19.46
N VAL A 66 15.00 0.27 -18.93
CA VAL A 66 14.11 1.16 -19.67
C VAL A 66 13.27 1.97 -18.69
N ILE A 67 13.12 3.26 -18.99
CA ILE A 67 12.29 4.15 -18.19
C ILE A 67 10.97 4.39 -18.89
N THR A 68 9.88 4.32 -18.14
CA THR A 68 8.56 4.73 -18.59
C THR A 68 8.16 5.92 -17.72
N HIS A 69 7.95 7.07 -18.35
CA HIS A 69 7.80 8.36 -17.67
C HIS A 69 6.48 8.97 -18.07
N GLU A 70 5.63 9.24 -17.08
N GLU A 70 5.62 9.23 -17.08
CA GLU A 70 4.30 9.80 -17.32
CA GLU A 70 4.29 9.80 -17.30
C GLU A 70 4.22 11.18 -16.69
C GLU A 70 4.27 11.19 -16.68
N ALA A 71 4.36 12.21 -17.51
CA ALA A 71 4.25 13.59 -17.05
C ALA A 71 2.80 14.05 -17.15
N LYS A 72 2.39 14.88 -16.19
CA LYS A 72 1.04 15.41 -16.19
C LYS A 72 0.73 16.09 -17.52
N GLY A 73 -0.37 15.66 -18.14
CA GLY A 73 -0.84 16.27 -19.36
C GLY A 73 -0.09 15.93 -20.63
N LYS A 74 0.77 14.91 -20.60
N LYS A 74 0.78 14.92 -20.60
CA LYS A 74 1.58 14.55 -21.75
CA LYS A 74 1.59 14.56 -21.76
C LYS A 74 1.45 13.06 -22.05
C LYS A 74 1.47 13.07 -22.04
N ASP A 75 1.85 12.69 -23.26
CA ASP A 75 1.88 11.28 -23.63
C ASP A 75 3.01 10.55 -22.88
N LYS A 76 2.79 9.28 -22.64
CA LYS A 76 3.82 8.40 -22.09
C LYS A 76 5.11 8.50 -22.88
N TYR A 77 6.23 8.61 -22.16
CA TYR A 77 7.58 8.62 -22.73
C TYR A 77 8.32 7.36 -22.28
N VAL A 78 8.94 6.68 -23.24
CA VAL A 78 9.67 5.44 -22.99
C VAL A 78 11.06 5.56 -23.61
N LEU A 79 12.09 5.26 -22.82
CA LEU A 79 13.46 5.30 -23.32
C LEU A 79 14.25 4.13 -22.75
N GLU A 80 14.92 3.39 -23.63
CA GLU A 80 15.85 2.35 -23.22
C GLU A 80 17.22 2.99 -22.99
N SER A 81 17.79 2.79 -21.80
CA SER A 81 19.08 3.36 -21.49
C SER A 81 19.68 2.45 -20.42
N PRO A 82 20.92 2.00 -20.57
CA PRO A 82 21.43 0.96 -19.67
C PRO A 82 21.59 1.49 -18.25
N CYS A 83 21.19 0.66 -17.29
CA CYS A 83 21.28 0.97 -15.87
C CYS A 83 21.87 -0.23 -15.15
N PRO A 84 23.18 -0.42 -15.22
CA PRO A 84 23.81 -1.53 -14.49
C PRO A 84 23.73 -1.37 -12.98
N SER A 85 23.41 -0.18 -12.46
CA SER A 85 23.26 0.02 -11.03
C SER A 85 22.05 0.91 -10.75
N HIS A 86 21.61 0.90 -9.49
CA HIS A 86 20.53 1.79 -9.11
C HIS A 86 20.93 3.25 -9.23
N THR A 87 22.23 3.55 -9.10
CA THR A 87 22.68 4.92 -9.31
C THR A 87 22.41 5.36 -10.74
N HIS A 88 22.69 4.49 -11.71
CA HIS A 88 22.38 4.82 -13.10
C HIS A 88 20.88 5.05 -13.28
N ALA A 89 20.06 4.25 -12.58
CA ALA A 89 18.61 4.41 -12.71
C ALA A 89 18.17 5.76 -12.14
N VAL A 90 18.69 6.15 -10.97
CA VAL A 90 18.30 7.44 -10.42
C VAL A 90 18.79 8.58 -11.31
N GLU A 91 20.01 8.46 -11.86
CA GLU A 91 20.49 9.47 -12.80
C GLU A 91 19.57 9.56 -14.01
N LEU A 92 19.12 8.42 -14.54
CA LEU A 92 18.21 8.45 -15.69
C LEU A 92 16.90 9.14 -15.33
N ILE A 93 16.38 8.88 -14.13
CA ILE A 93 15.15 9.54 -13.70
C ILE A 93 15.36 11.05 -13.65
N ILE A 94 16.45 11.50 -13.03
CA ILE A 94 16.65 12.95 -12.87
C ILE A 94 16.84 13.61 -14.23
N LYS A 95 17.63 12.99 -15.10
CA LYS A 95 17.80 13.53 -16.45
C LYS A 95 16.47 13.63 -17.17
N THR A 96 15.63 12.61 -17.04
CA THR A 96 14.32 12.63 -17.69
C THR A 96 13.44 13.72 -17.09
N LEU A 97 13.48 13.90 -15.76
CA LEU A 97 12.63 14.89 -15.13
C LEU A 97 13.03 16.32 -15.49
N THR A 98 14.31 16.56 -15.77
CA THR A 98 14.79 17.90 -16.10
C THR A 98 14.91 18.12 -17.59
N ASP A 99 14.54 17.13 -18.42
CA ASP A 99 14.70 17.29 -19.85
C ASP A 99 13.81 18.43 -20.35
N PRO A 100 14.31 19.30 -21.22
CA PRO A 100 13.49 20.45 -21.66
C PRO A 100 12.19 20.08 -22.36
N SER A 101 12.14 18.94 -23.06
N SER A 101 12.14 18.95 -23.06
CA SER A 101 10.95 18.56 -23.82
CA SER A 101 10.94 18.58 -23.82
C SER A 101 10.01 17.63 -23.08
C SER A 101 10.01 17.64 -23.06
N VAL A 102 10.54 16.62 -22.38
CA VAL A 102 9.72 15.62 -21.71
C VAL A 102 9.71 15.80 -20.20
N GLY A 103 10.50 16.72 -19.67
CA GLY A 103 10.64 16.86 -18.22
C GLY A 103 9.55 17.71 -17.59
N VAL A 104 9.62 17.82 -16.26
CA VAL A 104 8.60 18.51 -15.49
C VAL A 104 9.16 19.50 -14.48
N ILE A 105 10.49 19.53 -14.32
CA ILE A 105 11.13 20.48 -13.41
C ILE A 105 12.29 21.13 -14.17
N THR A 106 12.62 22.37 -13.79
CA THR A 106 13.62 23.11 -14.55
C THR A 106 15.03 22.57 -14.30
N ASP A 107 15.33 22.15 -13.08
CA ASP A 107 16.63 21.60 -12.74
C ASP A 107 16.49 20.72 -11.51
N MET A 108 17.55 19.98 -11.20
CA MET A 108 17.50 19.03 -10.08
C MET A 108 17.31 19.72 -8.73
N ASN A 109 17.69 20.98 -8.60
CA ASN A 109 17.57 21.69 -7.33
C ASN A 109 16.13 22.12 -7.03
N VAL A 110 15.21 21.92 -7.96
CA VAL A 110 13.80 22.09 -7.64
C VAL A 110 13.36 21.10 -6.59
N ILE A 111 13.94 19.89 -6.60
CA ILE A 111 13.63 18.88 -5.61
C ILE A 111 14.24 19.29 -4.26
N LYS A 112 13.43 19.32 -3.21
CA LYS A 112 13.86 19.76 -1.90
C LYS A 112 13.98 18.65 -0.87
N ALA A 113 13.47 17.45 -1.17
CA ALA A 113 13.55 16.31 -0.27
C ALA A 113 13.22 15.08 -1.07
N VAL A 114 13.72 13.94 -0.61
CA VAL A 114 13.44 12.64 -1.24
C VAL A 114 12.89 11.71 -0.18
N GLY A 115 11.75 11.09 -0.46
CA GLY A 115 11.18 10.07 0.41
C GLY A 115 11.38 8.70 -0.18
N HIS A 116 12.01 7.80 0.55
CA HIS A 116 12.32 6.46 0.11
C HIS A 116 11.47 5.44 0.86
N ARG A 117 10.95 4.46 0.13
CA ARG A 117 10.30 3.33 0.79
C ARG A 117 11.34 2.38 1.37
N VAL A 118 11.21 2.10 2.67
CA VAL A 118 11.98 1.04 3.31
C VAL A 118 10.97 0.03 3.85
N THR A 119 11.16 -1.23 3.48
CA THR A 119 10.14 -2.23 3.79
C THR A 119 10.11 -2.56 5.28
N HIS A 120 11.26 -2.79 5.90
CA HIS A 120 11.31 -3.35 7.25
C HIS A 120 12.14 -2.45 8.16
N GLY A 121 11.54 -2.02 9.27
CA GLY A 121 12.26 -1.29 10.30
C GLY A 121 12.43 -2.07 11.59
N GLY A 122 12.11 -3.35 11.61
CA GLY A 122 12.13 -4.07 12.86
C GLY A 122 11.32 -3.33 13.91
N ASP A 123 11.76 -3.45 15.17
CA ASP A 123 11.21 -2.64 16.25
C ASP A 123 12.15 -1.49 16.59
N LYS A 124 13.05 -1.13 15.67
CA LYS A 124 13.96 -0.02 15.89
C LYS A 124 13.41 1.29 15.34
N PHE A 125 12.42 1.25 14.47
CA PHE A 125 11.86 2.45 13.87
C PHE A 125 10.36 2.44 14.06
N ILE A 126 9.85 3.47 14.74
CA ILE A 126 8.41 3.61 14.93
C ILE A 126 7.82 4.69 14.05
N LYS A 127 8.65 5.41 13.29
CA LYS A 127 8.19 6.54 12.49
C LYS A 127 9.26 6.84 11.45
N SER A 128 8.91 7.69 10.50
CA SER A 128 9.83 8.02 9.43
C SER A 128 11.01 8.84 9.97
N VAL A 129 12.13 8.78 9.24
CA VAL A 129 13.38 9.39 9.70
C VAL A 129 14.14 10.01 8.53
N ILE A 130 14.89 11.06 8.84
CA ILE A 130 15.94 11.54 7.93
C ILE A 130 17.13 10.58 8.02
N VAL A 131 17.60 10.13 6.86
CA VAL A 131 18.71 9.20 6.82
C VAL A 131 20.02 9.90 7.15
N THR A 132 20.77 9.29 8.05
CA THR A 132 22.14 9.67 8.41
C THR A 132 22.98 8.40 8.36
N PRO A 133 24.31 8.53 8.42
CA PRO A 133 25.13 7.30 8.46
C PRO A 133 24.76 6.37 9.60
N GLU A 134 24.43 6.94 10.76
CA GLU A 134 24.05 6.10 11.90
C GLU A 134 22.72 5.41 11.67
N ILE A 135 21.76 6.11 11.05
CA ILE A 135 20.50 5.49 10.71
C ILE A 135 20.71 4.35 9.72
N LEU A 136 21.62 4.54 8.76
CA LEU A 136 21.92 3.47 7.82
C LEU A 136 22.55 2.27 8.52
N ASN A 137 23.39 2.51 9.52
CA ASN A 137 23.93 1.39 10.31
C ASN A 137 22.81 0.66 11.04
N THR A 138 21.85 1.40 11.58
CA THR A 138 20.72 0.76 12.26
C THR A 138 19.89 -0.06 11.27
N PHE A 139 19.68 0.45 10.06
CA PHE A 139 18.95 -0.34 9.06
C PHE A 139 19.69 -1.64 8.76
N ARG A 140 21.02 -1.63 8.79
CA ARG A 140 21.75 -2.89 8.55
C ARG A 140 21.50 -3.89 9.65
N GLU A 141 21.26 -3.43 10.88
CA GLU A 141 20.94 -4.33 11.97
C GLU A 141 19.60 -5.04 11.76
N VAL A 142 18.69 -4.47 10.97
CA VAL A 142 17.38 -5.09 10.75
C VAL A 142 17.25 -5.71 9.37
N GLN A 143 18.29 -5.63 8.53
CA GLN A 143 18.17 -6.13 7.16
C GLN A 143 17.75 -7.60 7.12
N ASP A 144 18.26 -8.40 8.05
N ASP A 144 18.25 -8.39 8.06
CA ASP A 144 17.94 -9.83 8.06
CA ASP A 144 17.94 -9.82 8.12
C ASP A 144 16.45 -10.10 8.30
C ASP A 144 16.46 -10.10 8.31
N LEU A 145 15.70 -9.12 8.80
CA LEU A 145 14.26 -9.32 8.97
C LEU A 145 13.52 -9.17 7.65
N GLY A 146 14.05 -8.36 6.73
CA GLY A 146 13.44 -8.14 5.44
C GLY A 146 14.39 -8.43 4.30
N PRO A 147 14.88 -9.67 4.26
CA PRO A 147 15.97 -9.98 3.32
C PRO A 147 15.60 -9.87 1.86
N LEU A 148 14.32 -10.01 1.51
CA LEU A 148 13.89 -9.96 0.12
C LEU A 148 13.57 -8.55 -0.34
N HIS A 149 13.68 -7.55 0.54
CA HIS A 149 13.22 -6.21 0.20
C HIS A 149 14.16 -5.10 0.64
N ASN A 150 14.65 -5.17 1.87
CA ASN A 150 15.46 -4.07 2.38
C ASN A 150 16.73 -3.83 1.57
N PRO A 151 17.47 -4.86 1.12
CA PRO A 151 18.72 -4.56 0.40
C PRO A 151 18.54 -3.58 -0.73
N ALA A 152 17.56 -3.79 -1.60
CA ALA A 152 17.34 -2.88 -2.72
C ALA A 152 16.82 -1.52 -2.25
N ASN A 153 16.00 -1.49 -1.19
CA ASN A 153 15.56 -0.20 -0.65
C ASN A 153 16.77 0.64 -0.23
N ILE A 154 17.71 0.00 0.47
CA ILE A 154 18.91 0.71 0.93
C ILE A 154 19.80 1.09 -0.24
N MET A 155 19.96 0.20 -1.22
CA MET A 155 20.73 0.56 -2.41
C MET A 155 20.15 1.81 -3.07
N GLY A 156 18.81 1.94 -3.05
CA GLY A 156 18.20 3.11 -3.63
C GLY A 156 18.49 4.38 -2.85
N ILE A 157 18.50 4.29 -1.53
CA ILE A 157 18.90 5.43 -0.70
C ILE A 157 20.32 5.84 -1.04
N GLU A 158 21.23 4.88 -1.04
CA GLU A 158 22.64 5.19 -1.27
C GLU A 158 22.83 5.80 -2.66
N ALA A 159 22.11 5.27 -3.64
CA ALA A 159 22.20 5.80 -5.00
C ALA A 159 21.69 7.23 -5.05
N ALA A 160 20.51 7.48 -4.50
CA ALA A 160 19.93 8.82 -4.58
C ALA A 160 20.75 9.83 -3.76
N GLN A 161 21.39 9.39 -2.69
CA GLN A 161 22.26 10.30 -1.95
C GLN A 161 23.44 10.76 -2.79
N LYS A 162 23.94 9.91 -3.70
CA LYS A 162 25.01 10.33 -4.59
C LYS A 162 24.51 11.34 -5.62
N VAL A 163 23.30 11.12 -6.14
CA VAL A 163 22.77 11.96 -7.21
C VAL A 163 22.25 13.29 -6.68
N LEU A 164 21.58 13.28 -5.52
CA LEU A 164 20.96 14.46 -4.92
C LEU A 164 21.55 14.68 -3.54
N PRO A 165 22.83 15.09 -3.47
CA PRO A 165 23.53 15.12 -2.18
C PRO A 165 23.11 16.24 -1.25
N ASN A 166 22.36 17.24 -1.72
CA ASN A 166 22.12 18.44 -0.94
C ASN A 166 20.72 18.53 -0.38
N VAL A 167 19.96 17.45 -0.39
CA VAL A 167 18.61 17.43 0.18
C VAL A 167 18.55 16.31 1.21
N PRO A 168 17.61 16.39 2.14
CA PRO A 168 17.39 15.27 3.05
C PRO A 168 16.77 14.10 2.30
N HIS A 169 17.30 12.93 2.59
CA HIS A 169 16.72 11.67 2.15
C HIS A 169 16.07 11.05 3.36
N CYS A 170 14.80 10.70 3.21
CA CYS A 170 13.98 10.25 4.31
C CYS A 170 13.54 8.81 4.05
N ALA A 171 13.46 8.02 5.11
CA ALA A 171 12.98 6.64 5.03
C ALA A 171 11.57 6.62 5.61
N ILE A 172 10.63 6.14 4.80
CA ILE A 172 9.24 5.93 5.20
C ILE A 172 9.04 4.42 5.17
N ILE A 173 8.71 3.85 6.33
CA ILE A 173 8.99 2.45 6.64
C ILE A 173 7.68 1.69 6.75
N ASP A 174 7.54 0.61 5.94
CA ASP A 174 6.27 -0.08 5.79
C ASP A 174 5.77 -0.70 7.11
N THR A 175 6.70 -1.05 8.01
CA THR A 175 6.38 -1.67 9.29
C THR A 175 6.03 -0.68 10.39
N ALA A 176 6.36 0.60 10.21
CA ALA A 176 6.31 1.52 11.34
C ALA A 176 4.89 1.72 11.87
N TRP A 177 3.90 1.84 10.97
CA TRP A 177 2.50 2.01 11.37
C TRP A 177 2.09 0.99 12.42
N HIS A 178 2.57 -0.24 12.28
CA HIS A 178 2.13 -1.34 13.13
C HIS A 178 2.86 -1.41 14.48
N GLN A 179 3.79 -0.49 14.74
CA GLN A 179 4.54 -0.53 15.98
C GLN A 179 3.71 -0.15 17.21
N THR A 180 2.48 0.30 17.03
CA THR A 180 1.57 0.44 18.15
C THR A 180 0.96 -0.87 18.63
N MET A 181 1.17 -1.99 17.92
CA MET A 181 0.56 -3.24 18.36
C MET A 181 1.01 -3.59 19.77
N PRO A 182 0.11 -4.08 20.63
CA PRO A 182 0.52 -4.56 21.95
C PRO A 182 1.18 -5.93 21.87
N GLU A 183 1.90 -6.29 22.94
CA GLU A 183 2.64 -7.55 22.91
C GLU A 183 1.73 -8.76 22.73
N THR A 184 0.49 -8.72 23.24
N THR A 184 0.50 -8.72 23.23
CA THR A 184 -0.40 -9.85 23.05
CA THR A 184 -0.40 -9.85 23.05
C THR A 184 -0.75 -10.07 21.58
C THR A 184 -0.74 -10.07 21.58
N SER A 185 -0.67 -9.02 20.75
CA SER A 185 -0.85 -9.17 19.32
C SER A 185 0.44 -9.51 18.59
N PHE A 186 1.56 -8.92 19.00
CA PHE A 186 2.75 -9.10 18.17
C PHE A 186 3.62 -10.30 18.53
N MET A 187 3.47 -10.85 19.73
CA MET A 187 4.26 -12.01 20.09
C MET A 187 3.74 -13.28 19.43
N TYR A 188 4.65 -14.08 18.90
CA TYR A 188 4.33 -15.45 18.55
C TYR A 188 4.57 -16.34 19.77
N ALA A 189 3.91 -17.51 19.79
CA ALA A 189 4.07 -18.45 20.90
C ALA A 189 5.26 -19.36 20.61
N ILE A 190 6.43 -18.77 20.75
CA ILE A 190 7.72 -19.36 20.39
C ILE A 190 8.67 -19.16 21.57
N PRO A 191 9.84 -19.78 21.59
CA PRO A 191 10.80 -19.51 22.68
C PRO A 191 11.05 -18.02 22.82
N HIS A 192 10.93 -17.52 24.07
CA HIS A 192 11.07 -16.08 24.26
C HIS A 192 12.45 -15.61 23.84
N GLU A 193 13.45 -16.49 23.90
CA GLU A 193 14.80 -16.14 23.45
C GLU A 193 14.82 -15.72 21.99
N TRP A 194 13.95 -16.28 21.15
CA TRP A 194 13.96 -15.89 19.76
C TRP A 194 13.49 -14.45 19.58
N TYR A 195 12.55 -14.02 20.41
CA TYR A 195 12.15 -12.61 20.42
C TYR A 195 13.29 -11.75 20.97
N GLU A 196 13.87 -12.16 22.10
CA GLU A 196 14.87 -11.33 22.77
C GLU A 196 16.17 -11.25 21.98
N LYS A 197 16.59 -12.35 21.35
CA LYS A 197 17.88 -12.37 20.66
C LYS A 197 17.76 -11.99 19.19
N TYR A 198 16.66 -12.33 18.52
CA TYR A 198 16.54 -12.13 17.09
C TYR A 198 15.37 -11.25 16.70
N SER A 199 14.68 -10.67 17.68
CA SER A 199 13.57 -9.75 17.39
C SER A 199 12.48 -10.41 16.55
N ALA A 200 12.27 -11.71 16.75
CA ALA A 200 11.23 -12.44 16.03
C ALA A 200 9.88 -12.12 16.66
N ARG A 201 8.98 -11.55 15.87
CA ARG A 201 7.65 -11.11 16.30
C ARG A 201 6.92 -10.71 15.02
N ARG A 202 5.63 -10.41 15.17
CA ARG A 202 4.82 -9.91 14.07
C ARG A 202 5.17 -8.45 13.82
N TYR A 203 5.40 -8.10 12.56
CA TYR A 203 5.65 -6.73 12.18
C TYR A 203 4.53 -6.13 11.34
N GLY A 204 4.12 -6.80 10.27
CA GLY A 204 3.11 -6.23 9.39
C GLY A 204 3.68 -5.23 8.38
N PHE A 205 2.94 -5.05 7.29
CA PHE A 205 3.39 -4.22 6.16
C PHE A 205 2.22 -3.40 5.65
N HIS A 206 2.37 -2.81 4.46
CA HIS A 206 1.35 -1.90 3.93
C HIS A 206 1.10 -0.72 4.89
N GLY A 207 2.10 -0.36 5.68
CA GLY A 207 1.87 0.64 6.73
C GLY A 207 1.45 1.99 6.18
N THR A 208 2.04 2.42 5.07
CA THR A 208 1.65 3.73 4.53
C THR A 208 0.22 3.70 4.02
N SER A 209 -0.21 2.57 3.46
CA SER A 209 -1.58 2.46 2.98
C SER A 209 -2.56 2.49 4.13
N PHE A 210 -2.29 1.71 5.19
CA PHE A 210 -3.17 1.71 6.35
C PHE A 210 -3.22 3.08 7.00
N LEU A 211 -2.08 3.76 7.12
CA LEU A 211 -2.09 5.08 7.73
C LEU A 211 -3.01 6.01 6.93
N TYR A 212 -2.82 6.07 5.63
CA TYR A 212 -3.60 6.98 4.81
C TYR A 212 -5.09 6.64 4.88
N THR A 213 -5.43 5.37 4.67
CA THR A 213 -6.84 4.99 4.62
C THR A 213 -7.49 5.09 5.99
N ALA A 214 -6.75 4.84 7.06
CA ALA A 214 -7.31 5.01 8.39
C ALA A 214 -7.68 6.46 8.65
N LYS A 215 -6.82 7.38 8.22
CA LYS A 215 -7.12 8.80 8.42
C LYS A 215 -8.27 9.25 7.53
N ARG A 216 -8.34 8.76 6.30
CA ARG A 216 -9.47 9.10 5.44
C ARG A 216 -10.76 8.54 6.00
N ALA A 217 -10.72 7.32 6.54
CA ALA A 217 -11.93 6.76 7.14
C ALA A 217 -12.41 7.62 8.29
N ALA A 218 -11.50 8.12 9.12
CA ALA A 218 -11.91 8.98 10.23
C ALA A 218 -12.58 10.26 9.72
N VAL A 219 -12.03 10.88 8.67
CA VAL A 219 -12.64 12.05 8.07
C VAL A 219 -14.04 11.74 7.57
N ILE A 220 -14.19 10.63 6.87
CA ILE A 220 -15.49 10.26 6.29
C ILE A 220 -16.51 10.00 7.38
N LEU A 221 -16.05 9.41 8.49
CA LEU A 221 -16.94 9.13 9.62
C LEU A 221 -17.22 10.38 10.45
N GLY A 222 -16.50 11.47 10.23
CA GLY A 222 -16.67 12.65 11.04
C GLY A 222 -16.18 12.49 12.45
N LYS A 223 -15.16 11.68 12.67
CA LYS A 223 -14.66 11.37 14.00
C LYS A 223 -13.17 11.70 14.11
N LYS A 224 -12.75 12.04 15.32
CA LYS A 224 -11.31 12.10 15.57
C LYS A 224 -10.72 10.71 15.40
N PRO A 225 -9.51 10.59 14.83
CA PRO A 225 -8.93 9.26 14.64
C PRO A 225 -8.89 8.43 15.90
N GLU A 226 -8.58 9.04 17.05
CA GLU A 226 -8.44 8.26 18.27
C GLU A 226 -9.75 7.65 18.73
N ASP A 227 -10.88 8.09 18.17
CA ASP A 227 -12.17 7.54 18.50
C ASP A 227 -12.66 6.50 17.49
N THR A 228 -11.88 6.17 16.48
CA THR A 228 -12.33 5.26 15.45
C THR A 228 -11.89 3.82 15.72
N ASN A 229 -12.77 2.90 15.32
CA ASN A 229 -12.51 1.47 15.45
C ASN A 229 -12.95 0.89 14.11
N ILE A 230 -11.97 0.52 13.29
CA ILE A 230 -12.23 0.14 11.91
C ILE A 230 -11.35 -1.04 11.54
N ILE A 231 -11.69 -1.72 10.45
CA ILE A 231 -10.89 -2.80 9.92
C ILE A 231 -10.66 -2.54 8.44
N ILE A 232 -9.39 -2.52 8.02
CA ILE A 232 -9.00 -2.14 6.68
C ILE A 232 -8.40 -3.34 5.97
N ALA A 233 -8.89 -3.65 4.76
CA ALA A 233 -8.33 -4.70 3.91
C ALA A 233 -7.63 -4.04 2.74
N HIS A 234 -6.29 -4.09 2.75
CA HIS A 234 -5.47 -3.64 1.62
C HIS A 234 -5.30 -4.87 0.74
N ILE A 235 -6.10 -4.96 -0.32
CA ILE A 235 -6.10 -6.15 -1.15
C ILE A 235 -5.45 -5.77 -2.48
N GLY A 236 -4.12 -5.88 -2.53
CA GLY A 236 -3.35 -5.68 -3.72
C GLY A 236 -2.76 -7.00 -4.18
N ASN A 237 -1.74 -6.91 -5.01
CA ASN A 237 -1.03 -8.14 -5.35
C ASN A 237 -0.51 -8.82 -4.09
N GLY A 238 0.10 -8.04 -3.19
CA GLY A 238 0.19 -8.40 -1.79
C GLY A 238 -1.06 -7.91 -1.08
N ALA A 239 -1.48 -8.64 -0.05
CA ALA A 239 -2.74 -8.31 0.62
C ALA A 239 -2.59 -8.52 2.11
N SER A 240 -3.08 -7.56 2.88
CA SER A 240 -3.12 -7.71 4.32
C SER A 240 -4.25 -6.89 4.89
N MET A 241 -4.61 -7.20 6.14
CA MET A 241 -5.69 -6.56 6.86
C MET A 241 -5.13 -5.95 8.13
N CYS A 242 -5.72 -4.85 8.55
CA CYS A 242 -5.34 -4.18 9.78
C CYS A 242 -6.56 -3.90 10.65
N CYS A 243 -6.45 -4.25 11.94
CA CYS A 243 -7.45 -3.96 12.95
C CYS A 243 -7.02 -2.67 13.64
N VAL A 244 -7.77 -1.59 13.41
CA VAL A 244 -7.48 -0.27 13.93
C VAL A 244 -8.39 -0.03 15.13
N LYS A 245 -7.80 -0.03 16.31
CA LYS A 245 -8.52 0.13 17.56
C LYS A 245 -8.15 1.49 18.14
N GLN A 246 -9.15 2.34 18.36
N GLN A 246 -9.15 2.33 18.37
CA GLN A 246 -8.91 3.69 18.86
CA GLN A 246 -8.91 3.69 18.87
C GLN A 246 -7.87 4.40 18.01
C GLN A 246 -7.87 4.41 18.02
N GLY A 247 -7.98 4.25 16.70
CA GLY A 247 -7.14 4.98 15.77
C GLY A 247 -5.74 4.47 15.58
N LYS A 248 -5.39 3.34 16.19
CA LYS A 248 -4.04 2.81 16.11
C LYS A 248 -4.08 1.34 15.70
N CYS A 249 -3.05 0.88 14.99
CA CYS A 249 -2.98 -0.53 14.70
C CYS A 249 -2.95 -1.34 16.00
N PHE A 250 -3.83 -2.34 16.07
CA PHE A 250 -3.94 -3.28 17.17
C PHE A 250 -3.52 -4.68 16.74
N ASP A 251 -3.77 -5.06 15.49
CA ASP A 251 -3.36 -6.35 14.96
C ASP A 251 -3.34 -6.22 13.44
N THR A 252 -2.59 -7.11 12.80
CA THR A 252 -2.48 -7.08 11.33
C THR A 252 -2.10 -8.48 10.86
N SER A 253 -2.38 -8.75 9.58
CA SER A 253 -2.36 -10.13 9.13
C SER A 253 -1.02 -10.61 8.59
N MET A 254 -0.20 -9.73 8.03
CA MET A 254 1.17 -10.12 7.73
C MET A 254 1.96 -10.27 9.02
N GLY A 255 3.14 -10.86 8.91
CA GLY A 255 3.84 -11.38 10.06
C GLY A 255 5.21 -10.78 10.30
N LEU A 256 6.16 -11.63 10.69
CA LEU A 256 7.56 -11.27 10.67
C LEU A 256 7.92 -10.73 9.30
N THR A 257 7.36 -11.36 8.27
CA THR A 257 7.56 -11.05 6.85
C THR A 257 6.23 -10.86 6.18
N PRO A 258 6.22 -10.44 4.90
CA PRO A 258 4.96 -10.26 4.18
C PRO A 258 4.28 -11.57 3.76
N LEU A 259 4.79 -12.73 4.18
CA LEU A 259 4.22 -13.99 3.71
C LEU A 259 2.90 -14.35 4.39
N GLU A 260 2.71 -13.97 5.65
CA GLU A 260 1.60 -14.45 6.47
C GLU A 260 0.29 -13.75 6.10
N GLY A 261 -0.82 -14.47 6.33
CA GLY A 261 -2.13 -13.86 6.34
C GLY A 261 -3.02 -14.23 5.17
N LEU A 262 -3.50 -13.20 4.46
CA LEU A 262 -4.49 -13.33 3.38
C LEU A 262 -3.90 -14.07 2.18
N VAL A 263 -4.81 -14.58 1.34
CA VAL A 263 -4.42 -15.07 0.02
C VAL A 263 -3.89 -13.90 -0.81
N MET A 264 -2.78 -14.14 -1.52
CA MET A 264 -2.16 -13.10 -2.35
C MET A 264 -1.93 -13.63 -3.76
N GLY A 265 -1.42 -12.75 -4.64
CA GLY A 265 -1.21 -13.14 -6.02
C GLY A 265 -0.29 -14.34 -6.17
N THR A 266 0.84 -14.30 -5.46
CA THR A 266 1.81 -15.39 -5.51
C THR A 266 2.26 -15.88 -4.14
N ARG A 267 1.79 -15.27 -3.05
CA ARG A 267 2.17 -15.68 -1.71
C ARG A 267 1.07 -16.55 -1.09
N SER A 268 1.51 -17.49 -0.26
CA SER A 268 0.58 -18.45 0.31
C SER A 268 -0.32 -17.82 1.38
N GLY A 269 0.17 -16.81 2.08
CA GLY A 269 -0.54 -16.47 3.31
C GLY A 269 -0.47 -17.65 4.30
N ASP A 270 -1.43 -17.64 5.22
CA ASP A 270 -1.43 -18.59 6.33
C ASP A 270 -1.32 -20.04 5.86
N CYS A 271 -0.50 -20.80 6.58
N CYS A 271 -0.43 -20.78 6.49
CA CYS A 271 -0.26 -22.20 6.29
CA CYS A 271 -0.42 -22.23 6.34
C CYS A 271 0.33 -22.83 7.54
C CYS A 271 0.27 -22.83 7.55
N ASP A 272 0.06 -24.12 7.74
CA ASP A 272 0.69 -24.85 8.83
C ASP A 272 2.19 -24.63 8.75
N PRO A 273 2.83 -24.15 9.82
CA PRO A 273 4.30 -23.93 9.73
C PRO A 273 5.07 -25.19 9.43
N ALA A 274 4.48 -26.38 9.67
CA ALA A 274 5.14 -27.64 9.37
C ALA A 274 4.94 -28.09 7.93
N LEU A 275 4.03 -27.45 7.17
CA LEU A 275 3.78 -27.93 5.82
C LEU A 275 5.01 -27.74 4.94
N PRO A 276 5.70 -26.61 5.01
CA PRO A 276 6.95 -26.48 4.23
C PRO A 276 7.96 -27.56 4.53
N PHE A 277 7.98 -28.12 5.76
CA PHE A 277 8.92 -29.20 6.05
C PHE A 277 8.50 -30.50 5.39
N TYR A 278 7.21 -30.83 5.45
CA TYR A 278 6.70 -31.98 4.75
C TYR A 278 7.08 -31.91 3.28
N ILE A 279 6.91 -30.73 2.66
CA ILE A 279 7.21 -30.58 1.24
C ILE A 279 8.71 -30.63 0.98
N MET A 280 9.50 -29.95 1.83
CA MET A 280 10.95 -30.00 1.66
C MET A 280 11.46 -31.42 1.70
N ARG A 281 10.96 -32.22 2.65
CA ARG A 281 11.33 -33.63 2.69
C ARG A 281 10.92 -34.32 1.40
N LYS A 282 9.75 -33.96 0.87
CA LYS A 282 9.22 -34.61 -0.31
C LYS A 282 9.97 -34.20 -1.56
N THR A 283 10.52 -32.98 -1.60
CA THR A 283 11.04 -32.45 -2.86
C THR A 283 12.56 -32.30 -2.91
N GLY A 284 13.24 -32.18 -1.78
CA GLY A 284 14.64 -31.84 -1.80
C GLY A 284 14.90 -30.35 -1.71
N MET A 285 13.85 -29.53 -1.75
CA MET A 285 14.04 -28.09 -1.68
C MET A 285 14.66 -27.70 -0.34
N THR A 286 15.41 -26.61 -0.36
CA THR A 286 16.11 -26.04 0.78
C THR A 286 15.45 -24.72 1.17
N PRO A 287 15.73 -24.20 2.37
CA PRO A 287 14.95 -23.05 2.87
C PRO A 287 14.78 -21.89 1.91
N ALA A 288 15.83 -21.39 1.26
CA ALA A 288 15.66 -20.20 0.43
C ALA A 288 14.72 -20.47 -0.74
N GLU A 289 14.71 -21.70 -1.28
CA GLU A 289 13.86 -22.03 -2.40
C GLU A 289 12.48 -22.50 -2.00
N MET A 290 12.32 -23.01 -0.77
CA MET A 290 10.97 -23.08 -0.20
C MET A 290 10.43 -21.69 0.05
N ASP A 291 11.27 -20.77 0.55
CA ASP A 291 10.83 -19.39 0.76
C ASP A 291 10.37 -18.78 -0.56
N THR A 292 11.10 -19.04 -1.65
CA THR A 292 10.67 -18.47 -2.92
C THR A 292 9.41 -19.15 -3.45
N ALA A 293 9.28 -20.48 -3.29
CA ALA A 293 8.03 -21.14 -3.71
C ALA A 293 6.82 -20.56 -2.97
N LEU A 294 6.93 -20.38 -1.65
CA LEU A 294 5.83 -19.82 -0.87
C LEU A 294 5.56 -18.36 -1.21
N ASN A 295 6.58 -17.62 -1.67
CA ASN A 295 6.41 -16.21 -1.97
C ASN A 295 6.14 -15.91 -3.44
N LYS A 296 6.53 -16.80 -4.35
CA LYS A 296 6.48 -16.50 -5.79
C LYS A 296 5.72 -17.54 -6.60
N LYS A 297 5.38 -18.70 -6.05
CA LYS A 297 4.69 -19.74 -6.80
C LYS A 297 3.41 -20.21 -6.11
N SER A 298 2.97 -19.52 -5.06
CA SER A 298 1.84 -19.91 -4.24
C SER A 298 0.68 -18.92 -4.46
N GLY A 299 -0.19 -18.77 -3.47
CA GLY A 299 -1.28 -17.85 -3.67
C GLY A 299 -2.17 -18.25 -4.83
N LEU A 300 -2.75 -17.25 -5.50
CA LEU A 300 -3.61 -17.49 -6.65
C LEU A 300 -2.85 -18.22 -7.76
N LEU A 301 -1.59 -17.88 -7.95
CA LEU A 301 -0.80 -18.55 -8.99
C LEU A 301 -0.68 -20.04 -8.69
N GLY A 302 -0.42 -20.39 -7.43
CA GLY A 302 -0.30 -21.79 -7.10
C GLY A 302 -1.61 -22.54 -7.26
N VAL A 303 -2.71 -21.96 -6.79
CA VAL A 303 -4.00 -22.64 -6.87
C VAL A 303 -4.44 -22.80 -8.32
N THR A 304 -4.32 -21.72 -9.11
CA THR A 304 -4.80 -21.77 -10.48
C THR A 304 -3.80 -22.41 -11.43
N GLY A 305 -2.52 -22.41 -11.08
CA GLY A 305 -1.47 -22.87 -11.96
C GLY A 305 -1.02 -21.87 -12.98
N GLN A 306 -1.64 -20.68 -13.06
CA GLN A 306 -1.28 -19.76 -14.13
C GLN A 306 -1.66 -18.30 -13.93
N TYR A 307 -2.58 -17.97 -13.03
CA TYR A 307 -3.05 -16.59 -12.89
C TYR A 307 -2.59 -15.95 -11.60
N VAL A 308 -2.11 -14.72 -11.71
CA VAL A 308 -1.75 -13.87 -10.58
C VAL A 308 -2.78 -12.78 -10.36
N ASP A 309 -3.19 -12.12 -11.44
CA ASP A 309 -4.07 -10.97 -11.38
C ASP A 309 -5.50 -11.41 -11.11
N ARG A 310 -6.17 -10.73 -10.17
CA ARG A 310 -7.53 -11.10 -9.84
C ARG A 310 -8.47 -10.95 -11.03
N ARG A 311 -8.16 -10.05 -11.98
CA ARG A 311 -8.99 -9.94 -13.17
C ARG A 311 -8.99 -11.23 -13.96
N ASP A 312 -7.81 -11.87 -14.04
CA ASP A 312 -7.71 -13.13 -14.76
C ASP A 312 -8.42 -14.24 -14.01
N VAL A 313 -8.28 -14.28 -12.69
CA VAL A 313 -9.01 -15.26 -11.90
C VAL A 313 -10.51 -15.12 -12.12
N SER A 314 -11.03 -13.89 -12.02
N SER A 314 -11.02 -13.89 -12.06
CA SER A 314 -12.46 -13.68 -12.19
CA SER A 314 -12.46 -13.67 -12.19
C SER A 314 -12.90 -14.06 -13.60
C SER A 314 -12.94 -13.98 -13.60
N LYS A 315 -12.16 -13.60 -14.61
CA LYS A 315 -12.52 -13.92 -15.99
C LYS A 315 -12.54 -15.43 -16.20
N ALA A 316 -11.51 -16.13 -15.72
CA ALA A 316 -11.44 -17.58 -15.89
C ALA A 316 -12.58 -18.28 -15.14
N MET A 317 -12.92 -17.81 -13.94
CA MET A 317 -14.08 -18.35 -13.23
C MET A 317 -15.34 -18.23 -14.07
N GLY A 318 -15.53 -17.08 -14.72
CA GLY A 318 -16.69 -16.87 -15.56
C GLY A 318 -16.71 -17.69 -16.83
N GLU A 319 -15.57 -18.26 -17.22
CA GLU A 319 -15.44 -19.20 -18.33
C GLU A 319 -15.61 -20.65 -17.91
N GLY A 320 -15.66 -20.92 -16.61
CA GLY A 320 -15.86 -22.26 -16.08
C GLY A 320 -14.65 -22.91 -15.45
N ASP A 321 -13.52 -22.21 -15.32
CA ASP A 321 -12.29 -22.79 -14.82
C ASP A 321 -12.44 -23.09 -13.33
N LYS A 322 -12.46 -24.38 -12.98
CA LYS A 322 -12.70 -24.79 -11.60
C LYS A 322 -11.57 -24.40 -10.66
N ARG A 323 -10.33 -24.34 -11.16
CA ARG A 323 -9.24 -23.89 -10.31
C ARG A 323 -9.36 -22.41 -9.99
N ALA A 324 -9.79 -21.61 -10.97
CA ALA A 324 -10.03 -20.20 -10.72
C ALA A 324 -11.20 -19.99 -9.77
N ARG A 325 -12.29 -20.75 -9.95
CA ARG A 325 -13.42 -20.67 -9.02
C ARG A 325 -12.98 -21.01 -7.60
N LEU A 326 -12.17 -22.05 -7.44
CA LEU A 326 -11.65 -22.39 -6.11
C LEU A 326 -10.82 -21.24 -5.56
N ALA A 327 -9.90 -20.71 -6.37
CA ALA A 327 -9.00 -19.67 -5.87
C ALA A 327 -9.78 -18.44 -5.44
N PHE A 328 -10.77 -18.02 -6.24
CA PHE A 328 -11.62 -16.88 -5.89
C PHE A 328 -12.28 -17.12 -4.54
N ASN A 329 -12.81 -18.32 -4.36
CA ASN A 329 -13.53 -18.64 -3.12
C ASN A 329 -12.60 -18.73 -1.92
N MET A 330 -11.38 -19.25 -2.12
CA MET A 330 -10.40 -19.27 -1.04
C MET A 330 -10.05 -17.86 -0.59
N GLU A 331 -9.83 -16.95 -1.54
CA GLU A 331 -9.55 -15.56 -1.18
C GLU A 331 -10.70 -14.98 -0.37
N VAL A 332 -11.94 -15.16 -0.85
CA VAL A 332 -13.12 -14.66 -0.17
C VAL A 332 -13.22 -15.22 1.24
N TYR A 333 -13.07 -16.55 1.36
CA TYR A 333 -13.25 -17.21 2.66
C TYR A 333 -12.23 -16.72 3.68
N ARG A 334 -10.98 -16.59 3.26
CA ARG A 334 -9.98 -16.14 4.20
C ARG A 334 -10.22 -14.69 4.63
N LEU A 335 -10.67 -13.85 3.69
CA LEU A 335 -11.08 -12.49 4.05
C LEU A 335 -12.21 -12.49 5.08
N GLN A 336 -13.21 -13.35 4.88
CA GLN A 336 -14.31 -13.45 5.83
C GLN A 336 -13.80 -13.82 7.21
N LYS A 337 -12.92 -14.82 7.27
CA LYS A 337 -12.39 -15.24 8.57
C LYS A 337 -11.62 -14.13 9.24
N TYR A 338 -10.79 -13.40 8.48
CA TYR A 338 -10.01 -12.31 9.09
C TYR A 338 -10.92 -11.19 9.55
N PHE A 339 -11.94 -10.81 8.76
CA PHE A 339 -12.90 -9.82 9.25
C PHE A 339 -13.54 -10.29 10.57
N GLY A 340 -13.97 -11.56 10.63
CA GLY A 340 -14.56 -12.05 11.87
C GLY A 340 -13.58 -12.02 13.03
N ALA A 341 -12.35 -12.46 12.79
CA ALA A 341 -11.33 -12.44 13.83
C ALA A 341 -11.07 -11.03 14.33
N TYR A 342 -11.02 -10.05 13.43
CA TYR A 342 -10.70 -8.69 13.85
C TYR A 342 -11.89 -7.96 14.43
N ILE A 343 -13.12 -8.35 14.05
CA ILE A 343 -14.29 -7.86 14.77
C ILE A 343 -14.25 -8.34 16.21
N ALA A 344 -13.94 -9.62 16.41
CA ALA A 344 -13.74 -10.13 17.76
C ALA A 344 -12.65 -9.34 18.48
N ALA A 345 -11.50 -9.15 17.81
CA ALA A 345 -10.38 -8.50 18.47
C ALA A 345 -10.70 -7.08 18.90
N LEU A 346 -11.58 -6.38 18.16
CA LEU A 346 -11.92 -5.03 18.55
C LEU A 346 -12.71 -4.97 19.85
N GLY A 347 -13.41 -6.03 20.20
CA GLY A 347 -14.25 -6.00 21.39
C GLY A 347 -15.53 -5.23 21.25
N GLN A 348 -15.87 -4.78 20.04
CA GLN A 348 -17.08 -4.02 19.79
C GLN A 348 -17.32 -4.06 18.29
N LYS A 349 -18.52 -3.68 17.89
CA LYS A 349 -18.83 -3.51 16.48
C LYS A 349 -17.91 -2.46 15.89
N PRO A 350 -17.28 -2.71 14.74
CA PRO A 350 -16.50 -1.64 14.09
C PRO A 350 -17.40 -0.53 13.56
N ASP A 351 -16.86 0.70 13.55
CA ASP A 351 -17.55 1.79 12.88
C ASP A 351 -17.73 1.48 11.40
N ALA A 352 -16.71 0.88 10.80
CA ALA A 352 -16.66 0.68 9.37
C ALA A 352 -15.63 -0.39 9.06
N ILE A 353 -15.81 -1.02 7.89
CA ILE A 353 -14.74 -1.74 7.22
C ILE A 353 -14.38 -0.97 5.95
N VAL A 354 -13.13 -1.11 5.53
CA VAL A 354 -12.59 -0.36 4.40
C VAL A 354 -11.93 -1.34 3.44
N PHE A 355 -12.23 -1.20 2.16
CA PHE A 355 -11.54 -1.91 1.09
C PHE A 355 -10.64 -0.92 0.37
N THR A 356 -9.40 -1.35 0.09
CA THR A 356 -8.45 -0.52 -0.63
C THR A 356 -7.50 -1.40 -1.44
N ALA A 357 -6.59 -0.72 -2.15
CA ALA A 357 -5.68 -1.29 -3.14
C ALA A 357 -6.46 -1.82 -4.33
N GLY A 358 -5.78 -2.43 -5.31
CA GLY A 358 -6.43 -2.68 -6.60
C GLY A 358 -7.67 -3.57 -6.49
N VAL A 359 -7.56 -4.68 -5.77
CA VAL A 359 -8.72 -5.55 -5.63
C VAL A 359 -9.80 -4.89 -4.78
N GLY A 360 -9.38 -4.21 -3.71
CA GLY A 360 -10.37 -3.55 -2.88
C GLY A 360 -11.16 -2.50 -3.62
N GLU A 361 -10.51 -1.79 -4.56
N GLU A 361 -10.54 -1.81 -4.57
CA GLU A 361 -11.13 -0.69 -5.30
CA GLU A 361 -11.23 -0.73 -5.27
C GLU A 361 -11.94 -1.18 -6.50
C GLU A 361 -11.95 -1.18 -6.53
N PHE A 362 -11.52 -2.27 -7.17
CA PHE A 362 -12.17 -2.70 -8.41
C PHE A 362 -12.87 -4.05 -8.32
N GLY A 363 -12.51 -4.90 -7.36
CA GLY A 363 -12.99 -6.26 -7.29
C GLY A 363 -14.36 -6.39 -6.67
N PHE A 364 -15.37 -5.90 -7.39
CA PHE A 364 -16.72 -5.81 -6.83
C PHE A 364 -17.23 -7.21 -6.47
N ASP A 365 -16.80 -8.23 -7.21
CA ASP A 365 -17.28 -9.58 -6.95
C ASP A 365 -16.69 -10.14 -5.67
N THR A 366 -15.40 -9.90 -5.43
CA THR A 366 -14.78 -10.26 -4.17
C THR A 366 -15.48 -9.54 -3.00
N ARG A 367 -15.69 -8.23 -3.13
CA ARG A 367 -16.35 -7.50 -2.05
C ARG A 367 -17.75 -8.04 -1.77
N LEU A 368 -18.52 -8.30 -2.82
CA LEU A 368 -19.87 -8.83 -2.62
C LEU A 368 -19.84 -10.16 -1.88
N ALA A 369 -19.00 -11.08 -2.35
CA ALA A 369 -18.96 -12.41 -1.76
C ALA A 369 -18.49 -12.34 -0.31
N VAL A 370 -17.50 -11.52 -0.02
CA VAL A 370 -17.05 -11.36 1.35
C VAL A 370 -18.18 -10.86 2.22
N CYS A 371 -18.79 -9.74 1.83
CA CYS A 371 -19.73 -9.06 2.69
C CYS A 371 -21.02 -9.85 2.87
N GLU A 372 -21.47 -10.57 1.84
CA GLU A 372 -22.70 -11.35 2.00
C GLU A 372 -22.56 -12.43 3.05
N GLY A 373 -21.35 -12.88 3.34
CA GLY A 373 -21.13 -13.85 4.38
C GLY A 373 -20.95 -13.26 5.76
N LEU A 374 -21.13 -11.95 5.92
CA LEU A 374 -20.89 -11.24 7.17
C LEU A 374 -22.11 -10.46 7.64
N THR A 375 -23.28 -10.74 7.07
CA THR A 375 -24.47 -9.96 7.40
C THR A 375 -24.86 -10.13 8.87
N HIS A 376 -24.54 -11.27 9.47
CA HIS A 376 -24.84 -11.52 10.87
C HIS A 376 -23.84 -10.83 11.80
N LEU A 377 -22.81 -10.23 11.24
CA LEU A 377 -21.85 -9.42 11.99
C LEU A 377 -22.02 -7.94 11.71
N GLY A 378 -23.18 -7.56 11.18
CA GLY A 378 -23.49 -6.17 10.96
C GLY A 378 -23.02 -5.57 9.67
N ILE A 379 -22.51 -6.38 8.74
CA ILE A 379 -21.92 -5.90 7.49
C ILE A 379 -22.93 -6.18 6.38
N LYS A 380 -23.61 -5.15 5.91
N LYS A 380 -23.64 -5.14 5.95
CA LYS A 380 -24.69 -5.29 4.94
CA LYS A 380 -24.69 -5.27 4.95
C LYS A 380 -24.42 -4.43 3.71
C LYS A 380 -24.31 -4.41 3.75
N ILE A 381 -23.86 -5.06 2.68
CA ILE A 381 -23.53 -4.37 1.43
C ILE A 381 -24.80 -4.10 0.65
N ASP A 382 -24.77 -3.05 -0.16
CA ASP A 382 -25.82 -2.76 -1.12
C ASP A 382 -25.28 -3.16 -2.48
N PRO A 383 -25.80 -4.22 -3.12
CA PRO A 383 -25.19 -4.70 -4.37
C PRO A 383 -25.17 -3.65 -5.47
N LYS A 384 -26.18 -2.78 -5.55
N LYS A 384 -26.18 -2.77 -5.54
CA LYS A 384 -26.18 -1.74 -6.58
CA LYS A 384 -26.20 -1.73 -6.56
C LYS A 384 -25.06 -0.74 -6.33
C LYS A 384 -25.07 -0.73 -6.33
N LYS A 385 -24.88 -0.29 -5.09
CA LYS A 385 -23.77 0.60 -4.78
C LYS A 385 -22.44 -0.09 -5.06
N ASN A 386 -22.31 -1.36 -4.64
CA ASN A 386 -21.05 -2.07 -4.83
C ASN A 386 -20.65 -2.15 -6.29
N ALA A 387 -21.61 -2.39 -7.18
CA ALA A 387 -21.28 -2.52 -8.60
C ALA A 387 -20.81 -1.21 -9.21
N LEU A 388 -21.24 -0.08 -8.67
CA LEU A 388 -20.81 1.23 -9.15
C LEU A 388 -19.39 1.58 -8.71
N ALA A 389 -18.90 0.97 -7.62
CA ALA A 389 -17.60 1.35 -7.04
C ALA A 389 -16.50 0.57 -7.76
N ARG A 390 -16.17 1.01 -8.96
N ARG A 390 -16.17 1.02 -8.96
CA ARG A 390 -15.12 0.40 -9.78
CA ARG A 390 -15.11 0.38 -9.75
C ARG A 390 -14.23 1.47 -10.37
C ARG A 390 -14.23 1.46 -10.36
N THR A 391 -13.75 2.37 -9.52
CA THR A 391 -12.90 3.47 -9.92
C THR A 391 -11.84 3.74 -8.87
N ARG A 392 -10.67 4.21 -9.32
CA ARG A 392 -9.66 4.69 -8.39
C ARG A 392 -9.89 6.14 -8.01
N ASN A 393 -10.87 6.82 -8.59
CA ASN A 393 -10.96 8.28 -8.51
C ASN A 393 -11.92 8.80 -7.47
N ALA A 394 -12.58 7.93 -6.71
CA ALA A 394 -13.51 8.39 -5.69
C ALA A 394 -13.48 7.47 -4.49
N GLU A 395 -13.69 8.06 -3.33
CA GLU A 395 -14.02 7.35 -2.10
C GLU A 395 -15.54 7.20 -2.07
N THR A 396 -16.01 5.98 -1.82
CA THR A 396 -17.42 5.66 -1.87
C THR A 396 -17.87 4.90 -0.64
N CYS A 397 -19.18 4.95 -0.39
CA CYS A 397 -19.83 4.14 0.62
C CYS A 397 -20.74 3.16 -0.10
N ILE A 398 -20.51 1.86 0.09
CA ILE A 398 -21.23 0.82 -0.59
C ILE A 398 -22.11 0.00 0.32
N SER A 399 -22.21 0.34 1.59
CA SER A 399 -23.13 -0.35 2.47
C SER A 399 -24.56 0.12 2.27
N ALA A 400 -25.49 -0.76 2.60
CA ALA A 400 -26.89 -0.38 2.71
C ALA A 400 -27.04 0.76 3.70
N ASP A 401 -28.04 1.60 3.46
CA ASP A 401 -28.18 2.81 4.27
C ASP A 401 -28.22 2.54 5.77
N ASP A 402 -28.79 1.42 6.19
N ASP A 402 -28.79 1.42 6.19
CA ASP A 402 -28.92 1.09 7.60
CA ASP A 402 -28.96 1.10 7.59
C ASP A 402 -28.04 -0.08 8.02
C ASP A 402 -28.02 -0.01 8.07
N SER A 403 -26.98 -0.34 7.29
CA SER A 403 -26.02 -1.32 7.73
C SER A 403 -25.42 -0.88 9.07
N PRO A 404 -25.39 -1.75 10.09
CA PRO A 404 -24.73 -1.35 11.35
C PRO A 404 -23.30 -0.88 11.16
N VAL A 405 -22.56 -1.57 10.30
CA VAL A 405 -21.17 -1.27 10.02
C VAL A 405 -21.12 -0.62 8.63
N LYS A 406 -20.51 0.55 8.54
CA LYS A 406 -20.35 1.17 7.22
C LYS A 406 -19.32 0.39 6.41
N ILE A 407 -19.49 0.41 5.08
CA ILE A 407 -18.51 -0.20 4.19
C ILE A 407 -18.02 0.88 3.22
N PHE A 408 -16.73 1.19 3.28
CA PHE A 408 -16.16 2.21 2.43
C PHE A 408 -15.17 1.59 1.47
N VAL A 409 -15.11 2.13 0.25
CA VAL A 409 -14.01 1.90 -0.68
C VAL A 409 -13.20 3.19 -0.69
N ILE A 410 -11.97 3.12 -0.22
CA ILE A 410 -11.10 4.28 -0.12
C ILE A 410 -9.83 4.00 -0.89
N PRO A 411 -9.73 4.47 -2.13
CA PRO A 411 -8.48 4.26 -2.89
C PRO A 411 -7.30 4.83 -2.10
N THR A 412 -6.23 4.06 -2.03
CA THR A 412 -5.11 4.43 -1.18
C THR A 412 -4.20 5.45 -1.88
N ASP A 413 -3.24 5.98 -1.12
CA ASP A 413 -2.30 6.98 -1.64
C ASP A 413 -1.02 6.87 -0.81
N GLU A 414 -0.30 5.78 -1.00
N GLU A 414 -0.29 5.78 -1.02
CA GLU A 414 0.96 5.57 -0.28
CA GLU A 414 0.95 5.57 -0.29
C GLU A 414 1.96 6.66 -0.61
C GLU A 414 1.97 6.64 -0.62
N GLU A 415 2.00 7.07 -1.88
CA GLU A 415 2.95 8.08 -2.30
C GLU A 415 2.74 9.40 -1.57
N LEU A 416 1.48 9.74 -1.27
CA LEU A 416 1.23 10.98 -0.54
C LEU A 416 1.77 10.90 0.88
N VAL A 417 1.62 9.77 1.55
CA VAL A 417 2.20 9.64 2.89
C VAL A 417 3.71 9.84 2.81
N MET A 418 4.36 9.18 1.85
CA MET A 418 5.80 9.34 1.69
C MET A 418 6.16 10.80 1.41
N THR A 419 5.38 11.47 0.57
CA THR A 419 5.63 12.86 0.21
C THR A 419 5.52 13.75 1.44
N GLU A 420 4.42 13.59 2.18
CA GLU A 420 4.17 14.47 3.31
C GLU A 420 5.15 14.20 4.45
N ASP A 421 5.52 12.94 4.66
CA ASP A 421 6.52 12.65 5.68
C ASP A 421 7.83 13.33 5.33
N ALA A 422 8.25 13.25 4.06
CA ALA A 422 9.49 13.90 3.67
C ALA A 422 9.39 15.41 3.82
N TYR A 423 8.27 15.99 3.40
CA TYR A 423 8.08 17.43 3.56
C TYR A 423 8.15 17.83 5.04
N ALA A 424 7.42 17.12 5.90
CA ALA A 424 7.38 17.44 7.32
C ALA A 424 8.71 17.18 8.02
N LEU A 425 9.44 16.15 7.60
CA LEU A 425 10.78 15.94 8.18
C LEU A 425 11.71 17.06 7.76
N MET A 426 11.64 17.46 6.48
N MET A 426 11.63 17.46 6.49
CA MET A 426 12.45 18.58 5.99
CA MET A 426 12.45 18.57 5.99
C MET A 426 12.12 19.84 6.77
C MET A 426 12.13 19.85 6.74
N LYS A 427 10.84 20.09 7.01
CA LYS A 427 10.40 21.28 7.74
C LYS A 427 10.72 21.22 9.22
N GLY A 428 10.77 20.02 9.79
CA GLY A 428 11.03 19.81 11.20
C GLY A 428 9.82 19.60 12.07
N THR A 429 8.64 19.33 11.50
CA THR A 429 7.42 19.17 12.27
C THR A 429 6.92 17.72 12.33
N TYR A 430 7.57 16.81 11.61
CA TYR A 430 7.07 15.44 11.56
C TYR A 430 7.11 14.78 12.93
N ASP A 431 6.13 13.92 13.21
CA ASP A 431 6.15 13.04 14.37
C ASP A 431 5.26 11.83 14.05
N VAL A 432 5.24 10.86 14.96
CA VAL A 432 4.35 9.70 14.86
C VAL A 432 2.91 10.18 14.76
N HIS A 433 2.07 9.37 14.12
CA HIS A 433 0.75 9.84 13.69
C HIS A 433 -0.18 10.15 14.85
N THR A 434 0.07 9.60 16.03
CA THR A 434 -0.72 9.94 17.20
C THR A 434 -0.43 11.34 17.72
N LYS A 435 0.60 12.02 17.16
CA LYS A 435 1.00 13.35 17.58
C LYS A 435 1.24 14.27 16.39
N PHE A 436 0.74 13.93 15.22
CA PHE A 436 1.03 14.70 14.01
C PHE A 436 -0.22 14.67 13.15
N THR A 437 -0.50 15.78 12.47
CA THR A 437 -1.68 15.93 11.62
C THR A 437 -1.28 16.01 10.16
N TYR A 438 -1.85 15.12 9.35
CA TYR A 438 -1.63 15.11 7.91
C TYR A 438 -2.65 15.99 7.20
N SER A 439 -2.21 16.51 6.04
CA SER A 439 -3.07 17.28 5.15
C SER A 439 -4.38 16.56 4.87
N PHE A 440 -4.31 15.25 4.61
CA PHE A 440 -5.47 14.49 4.19
C PHE A 440 -6.40 14.12 5.36
N GLN A 441 -6.11 14.62 6.56
CA GLN A 441 -7.08 14.60 7.65
C GLN A 441 -8.06 15.76 7.59
N SER A 442 -7.86 16.70 6.68
CA SER A 442 -8.83 17.78 6.54
C SER A 442 -10.07 17.31 5.79
N PRO A 443 -11.26 17.68 6.27
CA PRO A 443 -12.47 17.40 5.49
C PRO A 443 -12.41 17.97 4.09
N ASN A 444 -11.62 19.00 3.87
CA ASN A 444 -11.52 19.68 2.58
C ASN A 444 -10.32 19.25 1.75
N TYR A 445 -9.59 18.23 2.19
CA TYR A 445 -8.51 17.70 1.37
C TYR A 445 -9.06 17.22 0.04
N VAL A 446 -8.35 17.55 -1.05
N VAL A 446 -8.34 17.54 -1.04
CA VAL A 446 -8.72 17.11 -2.38
CA VAL A 446 -8.72 17.11 -2.38
C VAL A 446 -7.49 16.50 -3.07
C VAL A 446 -7.50 16.51 -3.08
N ASN A 447 -7.73 15.47 -3.87
CA ASN A 447 -6.71 14.89 -4.74
C ASN A 447 -7.02 15.40 -6.14
N LYS A 448 -6.17 16.29 -6.66
CA LYS A 448 -6.48 16.98 -7.90
C LYS A 448 -6.59 16.02 -9.08
N ALA A 449 -5.65 15.10 -9.22
CA ALA A 449 -5.68 14.19 -10.37
C ALA A 449 -6.92 13.29 -10.32
N ARG A 450 -7.28 12.83 -9.12
CA ARG A 450 -8.45 11.96 -8.99
C ARG A 450 -9.73 12.74 -9.20
N ALA A 451 -9.76 14.00 -8.78
CA ALA A 451 -10.94 14.81 -9.06
C ALA A 451 -11.16 14.97 -10.56
N GLU A 452 -10.07 15.13 -11.34
CA GLU A 452 -10.23 15.22 -12.78
C GLU A 452 -10.64 13.88 -13.36
N GLY A 453 -10.08 12.78 -12.87
CA GLY A 453 -10.49 11.48 -13.38
C GLY A 453 -11.94 11.18 -13.04
N LEU A 454 -12.40 11.63 -11.88
CA LEU A 454 -13.77 11.39 -11.47
C LEU A 454 -14.73 12.12 -12.41
N LYS A 455 -14.40 13.35 -12.80
CA LYS A 455 -15.25 14.06 -13.76
C LYS A 455 -15.48 13.22 -15.00
N LYS A 456 -14.42 12.60 -15.51
CA LYS A 456 -14.54 11.73 -16.68
C LYS A 456 -15.36 10.50 -16.36
N ASP A 457 -15.14 9.88 -15.19
CA ASP A 457 -15.92 8.71 -14.82
C ASP A 457 -17.41 9.04 -14.78
N LEU A 458 -17.75 10.22 -14.27
CA LEU A 458 -19.15 10.58 -14.12
C LEU A 458 -19.81 10.86 -15.46
N GLU A 459 -19.06 11.29 -16.47
CA GLU A 459 -19.64 11.44 -17.81
C GLU A 459 -20.14 10.10 -18.32
N LYS A 460 -19.42 9.02 -18.03
CA LYS A 460 -19.79 7.70 -18.52
C LYS A 460 -20.74 6.96 -17.61
N LYS A 461 -20.67 7.20 -16.29
N LYS A 461 -20.69 7.23 -16.31
CA LYS A 461 -21.51 6.51 -15.31
CA LYS A 461 -21.49 6.52 -15.31
C LYS A 461 -21.99 7.54 -14.30
C LYS A 461 -21.98 7.55 -14.29
N PRO A 462 -22.97 8.37 -14.68
CA PRO A 462 -23.41 9.43 -13.76
C PRO A 462 -23.92 8.92 -12.41
N GLU A 463 -24.42 7.68 -12.36
N GLU A 463 -24.44 7.69 -12.34
CA GLU A 463 -24.94 7.11 -11.12
CA GLU A 463 -24.94 7.16 -11.09
C GLU A 463 -23.86 6.94 -10.06
C GLU A 463 -23.85 6.98 -10.04
N LEU A 464 -22.58 6.93 -10.46
CA LEU A 464 -21.49 6.83 -9.49
C LEU A 464 -21.53 7.99 -8.49
N ALA A 465 -22.02 9.15 -8.92
CA ALA A 465 -22.08 10.31 -8.04
C ALA A 465 -22.90 10.02 -6.79
N SER A 466 -23.87 9.10 -6.88
N SER A 466 -23.88 9.12 -6.88
CA SER A 466 -24.78 8.81 -5.78
CA SER A 466 -24.76 8.87 -5.74
C SER A 466 -24.10 8.07 -4.63
C SER A 466 -24.04 8.17 -4.58
N ILE A 467 -22.93 7.48 -4.84
CA ILE A 467 -22.22 6.71 -3.80
C ILE A 467 -20.94 7.37 -3.33
N VAL A 468 -20.53 8.49 -3.93
CA VAL A 468 -19.37 9.20 -3.43
C VAL A 468 -19.64 9.66 -2.00
N VAL A 469 -18.64 9.52 -1.13
CA VAL A 469 -18.85 9.81 0.28
C VAL A 469 -19.22 11.28 0.48
N LYS A 470 -20.06 11.51 1.47
CA LYS A 470 -20.43 12.84 1.93
C LYS A 470 -19.67 13.07 3.23
N ILE A 471 -18.73 14.01 3.20
CA ILE A 471 -17.77 14.17 4.30
C ILE A 471 -18.29 15.21 5.27
N PRO A 472 -18.50 14.86 6.54
CA PRO A 472 -18.91 15.88 7.52
C PRO A 472 -17.94 17.03 7.59
N GLY A 473 -18.48 18.24 7.56
CA GLY A 473 -17.68 19.44 7.69
C GLY A 473 -17.03 19.90 6.41
N ALA A 474 -17.21 19.20 5.30
CA ALA A 474 -16.63 19.61 4.03
C ALA A 474 -17.49 20.70 3.38
N ARG A 475 -16.83 21.72 2.84
CA ARG A 475 -17.50 22.77 2.06
C ARG A 475 -16.49 23.76 1.51
P AMP B . -2.08 -2.89 -6.13
O1P AMP B . -3.02 -2.07 -5.28
O2P AMP B . -1.14 -3.80 -5.34
O3P AMP B . -1.42 -2.18 -7.27
O5' AMP B . -3.06 -3.90 -6.80
C5' AMP B . -2.69 -4.56 -7.99
C4' AMP B . -3.59 -5.74 -8.14
O4' AMP B . -4.94 -5.27 -8.22
C3' AMP B . -3.41 -6.56 -9.39
O3' AMP B . -2.36 -7.51 -9.23
C2' AMP B . -4.78 -7.18 -9.61
O2' AMP B . -4.86 -8.44 -8.96
C1' AMP B . -5.72 -6.22 -8.87
N9 AMP B . -6.63 -5.52 -9.79
C8 AMP B . -6.32 -4.46 -10.58
N7 AMP B . -7.40 -4.09 -11.29
C5 AMP B . -8.41 -4.90 -10.94
C6 AMP B . -9.82 -5.08 -11.32
N6 AMP B . -10.37 -4.24 -12.24
N1 AMP B . -10.53 -6.06 -10.71
C2 AMP B . -9.98 -6.89 -9.80
N3 AMP B . -8.70 -6.79 -9.42
C4 AMP B . -7.89 -5.84 -9.95
H5'1 AMP B . -2.80 -3.89 -8.84
H5'2 AMP B . -1.65 -4.88 -7.94
H4' AMP B . -3.47 -6.41 -7.28
H3' AMP B . -3.21 -5.88 -10.25
HO3' AMP B . -1.56 -7.19 -9.66
H2' AMP B . -5.02 -7.23 -10.67
HO2' AMP B . -4.15 -9.02 -9.27
H1' AMP B . -6.30 -6.80 -8.14
H8 AMP B . -5.35 -3.98 -10.63
HN61 AMP B . -9.80 -3.51 -12.65
HN62 AMP B . -11.33 -4.34 -12.48
H2 AMP B . -10.61 -7.65 -9.36
S SO4 C . -12.37 -5.79 -15.10
O1 SO4 C . -12.54 -4.54 -14.35
O2 SO4 C . -13.36 -5.81 -16.18
O3 SO4 C . -11.03 -5.85 -15.66
O4 SO4 C . -12.60 -6.93 -14.22
C1 EDO D . 4.69 5.05 7.73
O1 EDO D . 4.96 5.44 9.09
C2 EDO D . 3.69 3.88 7.70
O2 EDO D . 4.27 2.70 8.22
H11 EDO D . 4.27 5.89 7.18
H12 EDO D . 5.62 4.75 7.25
HO1 EDO D . 5.61 6.16 9.09
H21 EDO D . 2.82 4.15 8.30
H22 EDO D . 3.37 3.72 6.68
HO2 EDO D . 3.59 2.01 8.32
C1 EDO E . 17.81 21.84 -3.15
O1 EDO E . 17.53 23.08 -3.84
C2 EDO E . 19.32 21.60 -3.07
O2 EDO E . 19.98 22.76 -2.55
H11 EDO E . 17.33 21.02 -3.68
H12 EDO E . 17.39 21.88 -2.14
HO1 EDO E . 16.58 23.21 -3.89
H21 EDO E . 19.70 21.36 -4.07
H22 EDO E . 19.51 20.74 -2.43
HO2 EDO E . 20.93 22.59 -2.51
#